data_5AON
#
_entry.id   5AON
#
_cell.length_a   53.569
_cell.length_b   53.569
_cell.length_c   342.827
_cell.angle_alpha   90.00
_cell.angle_beta   90.00
_cell.angle_gamma   120.00
#
_symmetry.space_group_name_H-M   'P 61 2 2'
#
loop_
_entity.id
_entity.type
_entity.pdbx_description
1 polymer 'PEROXIN 14'
2 non-polymer 'SULFATE ION'
3 water water
#
_entity_poly.entity_id   1
_entity_poly.type   'polypeptide(L)'
_entity_poly.pdbx_seq_one_letter_code
;GSHMSEREKRVSNAVEFLLDSRVRRTPTSSKVHFLKSKGLSAEEICEAFTKVG
;
_entity_poly.pdbx_strand_id   A,B,C,D,E
#
loop_
_chem_comp.id
_chem_comp.type
_chem_comp.name
_chem_comp.formula
SO4 non-polymer 'SULFATE ION' 'O4 S -2'
#
# COMPACT_ATOMS: atom_id res chain seq x y z
N SER A 5 8.61 5.98 -18.22
CA SER A 5 7.90 4.71 -18.36
C SER A 5 6.80 4.55 -17.33
N GLU A 6 5.86 3.66 -17.60
CA GLU A 6 4.75 3.39 -16.69
C GLU A 6 5.27 2.84 -15.38
N ARG A 7 6.25 1.95 -15.44
CA ARG A 7 6.83 1.41 -14.21
C ARG A 7 7.54 2.48 -13.39
N GLU A 8 8.31 3.35 -14.06
CA GLU A 8 9.01 4.43 -13.36
C GLU A 8 8.03 5.38 -12.67
N LYS A 9 6.94 5.69 -13.36
CA LYS A 9 5.87 6.51 -12.78
C LYS A 9 5.27 5.85 -11.54
N ARG A 10 4.99 4.56 -11.62
CA ARG A 10 4.44 3.82 -10.49
C ARG A 10 5.36 3.90 -9.28
N VAL A 11 6.63 3.61 -9.51
CA VAL A 11 7.58 3.56 -8.41
C VAL A 11 7.82 4.95 -7.83
N SER A 12 7.98 5.96 -8.70
CA SER A 12 8.32 7.29 -8.20
C SER A 12 7.12 7.89 -7.45
N ASN A 13 5.91 7.64 -7.94
CA ASN A 13 4.71 8.09 -7.24
C ASN A 13 4.59 7.43 -5.87
N ALA A 14 4.95 6.15 -5.80
CA ALA A 14 4.90 5.40 -4.54
C ALA A 14 5.89 6.00 -3.54
N VAL A 15 7.11 6.29 -4.00
CA VAL A 15 8.12 6.86 -3.11
C VAL A 15 7.62 8.18 -2.54
N GLU A 16 7.07 9.01 -3.41
CA GLU A 16 6.57 10.31 -2.95
C GLU A 16 5.46 10.15 -1.91
N PHE A 17 4.59 9.15 -2.13
CA PHE A 17 3.54 8.87 -1.15
C PHE A 17 4.16 8.50 0.19
N LEU A 18 5.11 7.57 0.14
CA LEU A 18 5.73 7.04 1.34
C LEU A 18 6.53 8.08 2.14
N LEU A 19 7.06 9.09 1.46
CA LEU A 19 7.87 10.10 2.15
C LEU A 19 7.05 11.11 2.96
N ASP A 20 5.74 11.14 2.71
CA ASP A 20 4.83 12.03 3.42
C ASP A 20 4.82 11.70 4.91
N SER A 21 5.15 12.68 5.74
CA SER A 21 5.18 12.48 7.19
C SER A 21 3.80 12.02 7.71
N ARG A 22 2.74 12.41 7.02
CA ARG A 22 1.39 12.07 7.46
C ARG A 22 1.05 10.59 7.31
N VAL A 23 1.82 9.87 6.48
CA VAL A 23 1.51 8.46 6.26
C VAL A 23 2.42 7.54 7.03
N ARG A 24 3.32 8.09 7.85
CA ARG A 24 4.27 7.27 8.59
C ARG A 24 3.59 6.22 9.48
N ARG A 25 2.50 6.59 10.13
CA ARG A 25 1.88 5.68 11.08
C ARG A 25 0.92 4.70 10.42
N THR A 26 0.83 4.75 9.09
CA THR A 26 0.04 3.78 8.34
C THR A 26 0.71 2.40 8.38
N PRO A 27 -0.07 1.36 8.74
CA PRO A 27 0.48 -0.01 8.83
C PRO A 27 1.16 -0.42 7.53
N THR A 28 2.35 -1.01 7.62
CA THR A 28 3.06 -1.47 6.43
C THR A 28 2.21 -2.46 5.62
N SER A 29 1.44 -3.29 6.30
CA SER A 29 0.58 -4.24 5.60
C SER A 29 -0.39 -3.55 4.66
N SER A 30 -0.95 -2.43 5.12
CA SER A 30 -1.91 -1.73 4.28
C SER A 30 -1.19 -0.90 3.21
N LYS A 31 0.04 -0.46 3.49
CA LYS A 31 0.83 0.20 2.45
C LYS A 31 1.04 -0.77 1.30
N VAL A 32 1.32 -2.03 1.62
CA VAL A 32 1.53 -3.03 0.58
C VAL A 32 0.27 -3.18 -0.26
N HIS A 33 -0.87 -3.35 0.42
CA HIS A 33 -2.11 -3.57 -0.32
C HIS A 33 -2.49 -2.37 -1.15
N PHE A 34 -2.29 -1.18 -0.58
CA PHE A 34 -2.55 0.07 -1.28
C PHE A 34 -1.72 0.15 -2.54
N LEU A 35 -0.43 -0.11 -2.44
CA LEU A 35 0.43 -0.02 -3.61
C LEU A 35 0.06 -1.08 -4.67
N LYS A 36 -0.30 -2.29 -4.24
CA LYS A 36 -0.82 -3.28 -5.17
C LYS A 36 -2.06 -2.74 -5.89
N SER A 37 -2.91 -2.03 -5.15
CA SER A 37 -4.16 -1.52 -5.71
C SER A 37 -3.91 -0.41 -6.72
N LYS A 38 -2.71 0.17 -6.65
CA LYS A 38 -2.30 1.18 -7.62
C LYS A 38 -1.48 0.57 -8.76
N GLY A 39 -1.46 -0.76 -8.81
CA GLY A 39 -0.85 -1.45 -9.92
C GLY A 39 0.60 -1.88 -9.77
N LEU A 40 1.17 -1.69 -8.57
CA LEU A 40 2.56 -2.09 -8.33
C LEU A 40 2.69 -3.57 -8.03
N SER A 41 3.76 -4.17 -8.54
CA SER A 41 4.13 -5.54 -8.24
C SER A 41 4.93 -5.62 -6.97
N ALA A 42 5.18 -6.83 -6.49
CA ALA A 42 6.01 -7.01 -5.29
C ALA A 42 7.40 -6.41 -5.46
N GLU A 43 8.01 -6.62 -6.62
CA GLU A 43 9.35 -6.07 -6.83
C GLU A 43 9.33 -4.53 -6.88
N GLU A 44 8.28 -3.97 -7.48
CA GLU A 44 8.16 -2.51 -7.53
C GLU A 44 7.97 -1.93 -6.15
N ILE A 45 7.22 -2.66 -5.33
CA ILE A 45 6.94 -2.20 -3.97
C ILE A 45 8.22 -2.21 -3.13
N CYS A 46 9.01 -3.28 -3.26
CA CYS A 46 10.25 -3.35 -2.50
C CYS A 46 11.20 -2.26 -2.96
N GLU A 47 11.21 -1.98 -4.27
CA GLU A 47 12.04 -0.89 -4.78
C GLU A 47 11.61 0.44 -4.18
N ALA A 48 10.31 0.67 -4.12
CA ALA A 48 9.80 1.93 -3.56
C ALA A 48 10.17 2.04 -2.08
N PHE A 49 9.97 0.97 -1.32
CA PHE A 49 10.31 0.99 0.11
C PHE A 49 11.79 1.32 0.35
N THR A 50 12.69 0.82 -0.49
CA THR A 50 14.11 1.01 -0.21
C THR A 50 14.70 2.28 -0.84
N LYS A 51 13.90 3.03 -1.59
CA LYS A 51 14.33 4.34 -2.05
C LYS A 51 14.17 5.35 -0.92
N VAL A 52 13.29 5.01 0.02
CA VAL A 52 13.15 5.75 1.27
C VAL A 52 14.18 5.19 2.24
N GLY A 53 14.81 6.05 3.04
CA GLY A 53 15.85 5.59 3.94
C GLY A 53 15.33 5.14 5.29
N SER B 5 -20.53 6.78 -14.86
CA SER B 5 -19.71 8.00 -14.89
C SER B 5 -18.38 7.76 -14.21
N GLU B 6 -17.42 8.64 -14.49
CA GLU B 6 -16.09 8.53 -13.90
C GLU B 6 -16.14 8.66 -12.39
N ARG B 7 -16.94 9.62 -11.91
CA ARG B 7 -17.09 9.82 -10.47
C ARG B 7 -17.66 8.57 -9.82
N GLU B 8 -18.69 8.00 -10.45
CA GLU B 8 -19.34 6.81 -9.92
C GLU B 8 -18.36 5.65 -9.82
N LYS B 9 -17.52 5.50 -10.85
CA LYS B 9 -16.49 4.46 -10.88
C LYS B 9 -15.52 4.61 -9.72
N ARG B 10 -15.04 5.83 -9.50
CA ARG B 10 -14.10 6.11 -8.42
C ARG B 10 -14.67 5.75 -7.05
N VAL B 11 -15.91 6.17 -6.81
CA VAL B 11 -16.53 5.93 -5.51
C VAL B 11 -16.81 4.45 -5.34
N SER B 12 -17.36 3.82 -6.37
CA SER B 12 -17.68 2.40 -6.32
C SER B 12 -16.42 1.57 -6.04
N ASN B 13 -15.36 1.89 -6.76
CA ASN B 13 -14.07 1.23 -6.55
C ASN B 13 -13.53 1.46 -5.14
N ALA B 14 -13.74 2.68 -4.63
CA ALA B 14 -13.23 3.04 -3.31
C ALA B 14 -13.94 2.23 -2.23
N VAL B 15 -15.24 2.03 -2.40
CA VAL B 15 -16.00 1.24 -1.45
C VAL B 15 -15.48 -0.19 -1.40
N GLU B 16 -15.23 -0.81 -2.57
CA GLU B 16 -14.67 -2.16 -2.62
C GLU B 16 -13.30 -2.20 -1.92
N PHE B 17 -12.50 -1.17 -2.17
CA PHE B 17 -11.15 -1.06 -1.60
C PHE B 17 -11.21 -0.94 -0.08
N LEU B 18 -12.07 -0.05 0.41
CA LEU B 18 -12.15 0.21 1.84
C LEU B 18 -12.60 -1.00 2.64
N LEU B 19 -13.40 -1.85 2.02
CA LEU B 19 -13.95 -3.02 2.71
C LEU B 19 -13.01 -4.23 2.69
N ASP B 20 -11.91 -4.16 1.93
CA ASP B 20 -10.95 -5.26 1.88
C ASP B 20 -10.39 -5.51 3.27
N SER B 21 -10.16 -6.77 3.62
CA SER B 21 -9.69 -7.12 4.95
C SER B 21 -8.35 -6.45 5.27
N ARG B 22 -7.57 -6.17 4.23
CA ARG B 22 -6.26 -5.56 4.41
C ARG B 22 -6.31 -4.04 4.52
N VAL B 23 -7.51 -3.48 4.45
CA VAL B 23 -7.71 -2.03 4.52
C VAL B 23 -8.68 -1.64 5.64
N ARG B 24 -9.68 -2.48 5.91
CA ARG B 24 -10.77 -2.04 6.80
C ARG B 24 -10.34 -1.68 8.23
N ARG B 25 -9.24 -2.27 8.71
CA ARG B 25 -8.78 -1.99 10.08
C ARG B 25 -7.72 -0.89 10.16
N THR B 26 -7.37 -0.30 9.02
CA THR B 26 -6.37 0.77 8.99
C THR B 26 -6.96 2.04 9.58
N PRO B 27 -6.09 2.95 10.07
CA PRO B 27 -6.56 4.24 10.61
C PRO B 27 -7.37 5.02 9.59
N THR B 28 -8.32 5.82 10.06
CA THR B 28 -9.12 6.62 9.17
C THR B 28 -8.23 7.58 8.37
N SER B 29 -7.19 8.06 9.04
CA SER B 29 -6.22 8.94 8.38
C SER B 29 -5.63 8.24 7.15
N SER B 30 -5.20 7.00 7.33
CA SER B 30 -4.65 6.18 6.24
C SER B 30 -5.63 6.10 5.07
N LYS B 31 -6.89 5.85 5.39
CA LYS B 31 -7.91 5.70 4.34
C LYS B 31 -8.04 6.97 3.51
N VAL B 32 -7.98 8.13 4.16
CA VAL B 32 -8.06 9.40 3.45
C VAL B 32 -6.84 9.55 2.54
N HIS B 33 -5.66 9.28 3.08
CA HIS B 33 -4.44 9.39 2.28
C HIS B 33 -4.50 8.47 1.05
N PHE B 34 -4.95 7.23 1.24
CA PHE B 34 -5.07 6.26 0.15
C PHE B 34 -6.01 6.78 -0.93
N LEU B 35 -7.19 7.26 -0.52
CA LEU B 35 -8.21 7.64 -1.50
C LEU B 35 -7.84 8.93 -2.22
N LYS B 36 -7.20 9.86 -1.51
CA LYS B 36 -6.66 11.05 -2.17
C LYS B 36 -5.66 10.62 -3.23
N SER B 37 -4.76 9.70 -2.87
CA SER B 37 -3.72 9.27 -3.79
C SER B 37 -4.32 8.56 -5.02
N LYS B 38 -5.48 7.95 -4.83
CA LYS B 38 -6.19 7.27 -5.91
C LYS B 38 -7.04 8.24 -6.72
N GLY B 39 -6.98 9.52 -6.36
CA GLY B 39 -7.57 10.56 -7.18
C GLY B 39 -8.97 11.01 -6.81
N LEU B 40 -9.43 10.62 -5.63
CA LEU B 40 -10.76 11.06 -5.18
C LEU B 40 -10.72 12.45 -4.54
N SER B 41 -11.80 13.20 -4.75
CA SER B 41 -11.97 14.50 -4.10
C SER B 41 -12.45 14.30 -2.68
N ALA B 42 -12.40 15.35 -1.86
CA ALA B 42 -12.87 15.24 -0.49
C ALA B 42 -14.33 14.79 -0.45
N GLU B 43 -15.16 15.33 -1.35
CA GLU B 43 -16.58 14.96 -1.35
C GLU B 43 -16.77 13.51 -1.77
N GLU B 44 -15.97 13.04 -2.73
CA GLU B 44 -16.02 11.64 -3.14
C GLU B 44 -15.60 10.74 -1.99
N ILE B 45 -14.60 11.18 -1.23
CA ILE B 45 -14.11 10.42 -0.10
C ILE B 45 -15.22 10.32 0.95
N CYS B 46 -15.86 11.45 1.26
CA CYS B 46 -16.96 11.42 2.23
C CYS B 46 -18.08 10.48 1.75
N GLU B 47 -18.40 10.51 0.47
CA GLU B 47 -19.45 9.64 -0.06
C GLU B 47 -19.07 8.16 0.11
N ALA B 48 -17.83 7.84 -0.25
CA ALA B 48 -17.34 6.47 -0.07
C ALA B 48 -17.43 6.05 1.41
N PHE B 49 -17.00 6.92 2.31
CA PHE B 49 -17.05 6.60 3.73
C PHE B 49 -18.48 6.34 4.20
N THR B 50 -19.45 7.06 3.65
CA THR B 50 -20.83 6.87 4.09
C THR B 50 -21.38 5.54 3.59
N LYS B 51 -20.67 4.89 2.68
CA LYS B 51 -21.11 3.61 2.15
C LYS B 51 -20.42 2.42 2.81
N VAL B 52 -19.59 2.69 3.83
CA VAL B 52 -18.90 1.61 4.53
C VAL B 52 -19.12 1.72 6.02
N GLY B 53 -19.07 0.58 6.70
CA GLY B 53 -19.32 0.52 8.13
C GLY B 53 -18.08 0.74 8.97
N SER C 5 -14.35 -27.11 -0.61
CA SER C 5 -14.44 -26.68 -2.01
C SER C 5 -14.18 -25.18 -2.15
N GLU C 6 -14.05 -24.72 -3.38
CA GLU C 6 -13.84 -23.30 -3.63
C GLU C 6 -15.07 -22.51 -3.22
N ARG C 7 -16.25 -23.13 -3.34
CA ARG C 7 -17.49 -22.44 -2.99
C ARG C 7 -17.67 -22.35 -1.48
N GLU C 8 -17.40 -23.44 -0.76
CA GLU C 8 -17.53 -23.47 0.68
C GLU C 8 -16.60 -22.41 1.28
N LYS C 9 -15.43 -22.28 0.66
CA LYS C 9 -14.46 -21.21 0.96
C LYS C 9 -15.07 -19.81 0.89
N ARG C 10 -15.63 -19.50 -0.28
CA ARG C 10 -16.18 -18.18 -0.55
C ARG C 10 -17.27 -17.84 0.45
N VAL C 11 -18.17 -18.80 0.67
CA VAL C 11 -19.28 -18.59 1.60
C VAL C 11 -18.76 -18.42 3.03
N SER C 12 -17.76 -19.24 3.38
CA SER C 12 -17.14 -19.17 4.69
C SER C 12 -16.48 -17.82 4.93
N ASN C 13 -15.71 -17.36 3.93
CA ASN C 13 -15.06 -16.05 4.04
C ASN C 13 -16.10 -14.95 4.12
N ALA C 14 -17.19 -15.13 3.38
CA ALA C 14 -18.27 -14.13 3.35
C ALA C 14 -18.96 -14.02 4.69
N VAL C 15 -19.22 -15.16 5.34
CA VAL C 15 -19.83 -15.16 6.68
C VAL C 15 -18.95 -14.42 7.69
N GLU C 16 -17.66 -14.75 7.73
CA GLU C 16 -16.78 -14.07 8.68
C GLU C 16 -16.68 -12.59 8.34
N PHE C 17 -16.74 -12.25 7.06
CA PHE C 17 -16.77 -10.84 6.63
C PHE C 17 -18.00 -10.14 7.22
N LEU C 18 -19.16 -10.76 7.06
CA LEU C 18 -20.42 -10.17 7.53
C LEU C 18 -20.45 -10.03 9.05
N LEU C 19 -19.71 -10.89 9.75
CA LEU C 19 -19.69 -10.88 11.21
C LEU C 19 -18.65 -9.92 11.78
N ASP C 20 -17.75 -9.43 10.93
CA ASP C 20 -16.68 -8.52 11.36
C ASP C 20 -17.27 -7.25 11.94
N SER C 21 -16.78 -6.81 13.09
CA SER C 21 -17.30 -5.60 13.72
C SER C 21 -17.10 -4.38 12.83
N ARG C 22 -16.07 -4.42 11.99
CA ARG C 22 -15.75 -3.34 11.08
C ARG C 22 -16.53 -3.43 9.77
N VAL C 23 -17.41 -4.42 9.67
CA VAL C 23 -18.22 -4.63 8.47
C VAL C 23 -19.72 -4.62 8.76
N ARG C 24 -20.12 -5.09 9.93
CA ARG C 24 -21.54 -5.36 10.12
C ARG C 24 -22.46 -4.14 10.00
N ARG C 25 -21.95 -2.93 10.27
CA ARG C 25 -22.79 -1.73 10.12
C ARG C 25 -22.67 -1.09 8.74
N THR C 26 -22.10 -1.82 7.79
CA THR C 26 -22.05 -1.40 6.38
C THR C 26 -23.45 -1.51 5.74
N PRO C 27 -23.85 -0.55 4.89
CA PRO C 27 -25.13 -0.71 4.20
C PRO C 27 -25.16 -1.99 3.40
N THR C 28 -26.33 -2.59 3.32
CA THR C 28 -26.48 -3.88 2.67
C THR C 28 -26.01 -3.84 1.22
N SER C 29 -26.32 -2.76 0.51
CA SER C 29 -25.92 -2.63 -0.89
CA SER C 29 -25.92 -2.65 -0.90
C SER C 29 -24.40 -2.75 -1.06
N SER C 30 -23.65 -2.12 -0.16
CA SER C 30 -22.19 -2.21 -0.23
C SER C 30 -21.66 -3.60 0.07
N LYS C 31 -22.33 -4.29 0.98
CA LYS C 31 -21.96 -5.68 1.29
C LYS C 31 -22.09 -6.54 0.04
N VAL C 32 -23.22 -6.38 -0.64
CA VAL C 32 -23.46 -7.14 -1.87
C VAL C 32 -22.41 -6.80 -2.92
N HIS C 33 -22.17 -5.51 -3.14
CA HIS C 33 -21.19 -5.10 -4.14
C HIS C 33 -19.81 -5.67 -3.85
N PHE C 34 -19.40 -5.58 -2.59
CA PHE C 34 -18.08 -6.07 -2.19
C PHE C 34 -17.98 -7.57 -2.44
N LEU C 35 -19.01 -8.31 -2.02
CA LEU C 35 -18.93 -9.76 -2.16
C LEU C 35 -18.92 -10.18 -3.63
N LYS C 36 -19.70 -9.48 -4.44
CA LYS C 36 -19.64 -9.70 -5.88
C LYS C 36 -18.24 -9.46 -6.42
N SER C 37 -17.60 -8.39 -5.93
CA SER C 37 -16.25 -8.06 -6.39
C SER C 37 -15.23 -9.13 -6.00
N LYS C 38 -15.56 -9.93 -4.99
CA LYS C 38 -14.66 -10.99 -4.55
C LYS C 38 -15.02 -12.32 -5.19
N GLY C 39 -15.90 -12.27 -6.18
CA GLY C 39 -16.22 -13.44 -6.98
C GLY C 39 -17.41 -14.26 -6.50
N LEU C 40 -18.13 -13.80 -5.48
CA LEU C 40 -19.29 -14.54 -5.02
C LEU C 40 -20.49 -14.35 -5.93
N SER C 41 -21.27 -15.40 -6.04
CA SER C 41 -22.52 -15.40 -6.78
C SER C 41 -23.68 -14.93 -5.91
N ALA C 42 -24.80 -14.62 -6.54
CA ALA C 42 -25.98 -14.19 -5.78
C ALA C 42 -26.41 -15.26 -4.78
N GLU C 43 -26.42 -16.53 -5.20
CA GLU C 43 -26.83 -17.59 -4.28
C GLU C 43 -25.85 -17.73 -3.10
N GLU C 44 -24.55 -17.59 -3.37
CA GLU C 44 -23.55 -17.66 -2.32
C GLU C 44 -23.73 -16.52 -1.31
N ILE C 45 -24.04 -15.34 -1.82
CA ILE C 45 -24.26 -14.15 -0.99
C ILE C 45 -25.51 -14.33 -0.12
N CYS C 46 -26.59 -14.82 -0.71
CA CYS C 46 -27.80 -15.04 0.07
C CYS C 46 -27.57 -16.09 1.14
N GLU C 47 -26.78 -17.10 0.79
CA GLU C 47 -26.46 -18.16 1.75
C GLU C 47 -25.72 -17.56 2.93
N ALA C 48 -24.75 -16.70 2.63
CA ALA C 48 -23.96 -16.05 3.68
C ALA C 48 -24.84 -15.17 4.57
N PHE C 49 -25.74 -14.41 3.95
CA PHE C 49 -26.66 -13.57 4.73
C PHE C 49 -27.52 -14.38 5.69
N THR C 50 -27.99 -15.53 5.22
CA THR C 50 -28.87 -16.39 5.99
C THR C 50 -28.10 -17.10 7.10
N LYS C 51 -26.83 -17.44 6.84
CA LYS C 51 -26.02 -18.09 7.86
C LYS C 51 -25.80 -17.16 9.06
N VAL C 52 -25.65 -15.86 8.79
CA VAL C 52 -25.57 -14.86 9.85
C VAL C 52 -26.94 -14.75 10.52
N GLY C 53 -26.94 -14.54 11.84
CA GLY C 53 -28.16 -14.53 12.63
C GLY C 53 -29.35 -13.78 12.04
N SER D 5 7.13 -26.40 3.70
CA SER D 5 8.09 -26.16 2.63
C SER D 5 9.16 -25.17 3.08
N GLU D 6 10.22 -25.03 2.28
CA GLU D 6 11.30 -24.11 2.60
C GLU D 6 10.84 -22.66 2.50
N ARG D 7 9.99 -22.39 1.51
CA ARG D 7 9.43 -21.06 1.33
C ARG D 7 8.53 -20.72 2.51
N GLU D 8 7.78 -21.71 2.96
CA GLU D 8 6.86 -21.57 4.07
C GLU D 8 7.59 -21.15 5.33
N LYS D 9 8.75 -21.76 5.55
CA LYS D 9 9.51 -21.50 6.75
C LYS D 9 10.21 -20.14 6.67
N ARG D 10 10.63 -19.74 5.47
CA ARG D 10 11.20 -18.40 5.28
C ARG D 10 10.18 -17.32 5.63
N VAL D 11 8.96 -17.48 5.13
CA VAL D 11 7.91 -16.49 5.39
C VAL D 11 7.51 -16.51 6.85
N SER D 12 7.33 -17.70 7.41
CA SER D 12 6.99 -17.86 8.81
C SER D 12 8.00 -17.20 9.74
N ASN D 13 9.28 -17.49 9.52
CA ASN D 13 10.33 -16.87 10.32
C ASN D 13 10.38 -15.37 10.12
N ALA D 14 10.09 -14.91 8.91
CA ALA D 14 10.08 -13.48 8.62
C ALA D 14 8.97 -12.79 9.41
N VAL D 15 7.79 -13.41 9.47
CA VAL D 15 6.69 -12.83 10.25
C VAL D 15 7.08 -12.71 11.73
N GLU D 16 7.64 -13.79 12.28
CA GLU D 16 8.05 -13.79 13.68
C GLU D 16 9.06 -12.67 13.94
N PHE D 17 9.97 -12.55 13.00
CA PHE D 17 10.99 -11.51 13.02
C PHE D 17 10.37 -10.10 12.97
N LEU D 18 9.46 -9.88 12.04
CA LEU D 18 8.77 -8.58 11.92
C LEU D 18 7.90 -8.24 13.13
N LEU D 19 7.45 -9.27 13.85
CA LEU D 19 6.60 -9.07 15.02
C LEU D 19 7.40 -8.74 16.28
N ASP D 20 8.72 -8.96 16.20
CA ASP D 20 9.59 -8.70 17.33
C ASP D 20 9.54 -7.23 17.72
N SER D 21 9.36 -6.95 19.00
CA SER D 21 9.22 -5.58 19.48
C SER D 21 10.39 -4.69 19.05
N ARG D 22 11.61 -5.22 19.11
CA ARG D 22 12.79 -4.44 18.72
C ARG D 22 12.81 -4.21 17.21
N VAL D 23 12.45 -5.23 16.46
CA VAL D 23 12.51 -5.16 15.01
C VAL D 23 11.44 -4.23 14.45
N ARG D 24 10.24 -4.30 15.01
CA ARG D 24 9.10 -3.62 14.42
C ARG D 24 9.29 -2.10 14.43
N ARG D 25 10.09 -1.65 15.39
CA ARG D 25 10.49 -0.25 15.53
C ARG D 25 11.21 0.30 14.31
N THR D 26 11.94 -0.56 13.63
CA THR D 26 12.84 -0.13 12.56
C THR D 26 12.04 0.24 11.32
N PRO D 27 12.64 1.09 10.44
CA PRO D 27 11.92 1.52 9.24
C PRO D 27 11.68 0.38 8.27
N THR D 28 10.64 0.51 7.47
CA THR D 28 10.31 -0.51 6.50
C THR D 28 11.48 -0.85 5.59
N SER D 29 12.20 0.17 5.14
CA SER D 29 13.33 -0.06 4.24
CA SER D 29 13.32 -0.06 4.23
C SER D 29 14.37 -0.98 4.88
N SER D 30 14.66 -0.75 6.15
CA SER D 30 15.60 -1.62 6.85
C SER D 30 15.13 -3.05 6.88
N LYS D 31 13.86 -3.26 7.17
CA LYS D 31 13.27 -4.59 7.20
C LYS D 31 13.37 -5.28 5.84
N VAL D 32 13.13 -4.54 4.76
CA VAL D 32 13.29 -5.11 3.42
C VAL D 32 14.73 -5.56 3.18
N HIS D 33 15.70 -4.71 3.48
CA HIS D 33 17.10 -5.08 3.26
C HIS D 33 17.49 -6.31 4.07
N PHE D 34 17.07 -6.36 5.34
CA PHE D 34 17.42 -7.49 6.16
CA PHE D 34 17.45 -7.48 6.17
C PHE D 34 16.85 -8.79 5.61
N LEU D 35 15.58 -8.73 5.20
CA LEU D 35 14.93 -9.93 4.69
C LEU D 35 15.51 -10.36 3.36
N LYS D 36 15.87 -9.39 2.51
CA LYS D 36 16.59 -9.70 1.28
C LYS D 36 17.92 -10.38 1.61
N SER D 37 18.58 -9.96 2.68
CA SER D 37 19.87 -10.52 3.06
C SER D 37 19.72 -11.96 3.57
N LYS D 38 18.52 -12.31 4.04
CA LYS D 38 18.24 -13.69 4.47
C LYS D 38 17.73 -14.56 3.32
N GLY D 39 17.68 -13.99 2.12
CA GLY D 39 17.32 -14.74 0.93
C GLY D 39 15.85 -14.74 0.57
N LEU D 40 15.06 -13.85 1.16
CA LEU D 40 13.65 -13.78 0.78
C LEU D 40 13.49 -13.04 -0.52
N SER D 41 12.50 -13.46 -1.29
CA SER D 41 12.13 -12.80 -2.54
C SER D 41 11.23 -11.61 -2.24
N ALA D 42 11.03 -10.76 -3.23
CA ALA D 42 10.13 -9.62 -3.07
C ALA D 42 8.72 -10.07 -2.70
N GLU D 43 8.24 -11.14 -3.33
CA GLU D 43 6.88 -11.59 -3.03
C GLU D 43 6.80 -12.18 -1.63
N GLU D 44 7.86 -12.86 -1.22
CA GLU D 44 7.90 -13.44 0.13
C GLU D 44 7.90 -12.32 1.18
N ILE D 45 8.63 -11.25 0.89
CA ILE D 45 8.68 -10.09 1.78
C ILE D 45 7.30 -9.41 1.87
N CYS D 46 6.67 -9.17 0.74
CA CYS D 46 5.33 -8.59 0.76
C CYS D 46 4.35 -9.47 1.51
N GLU D 47 4.49 -10.78 1.36
CA GLU D 47 3.59 -11.72 2.02
C GLU D 47 3.77 -11.62 3.53
N ALA D 48 5.02 -11.58 3.96
CA ALA D 48 5.31 -11.45 5.40
C ALA D 48 4.73 -10.16 5.97
N PHE D 49 4.93 -9.05 5.26
CA PHE D 49 4.37 -7.79 5.73
C PHE D 49 2.86 -7.87 5.85
N THR D 50 2.22 -8.51 4.87
CA THR D 50 0.77 -8.65 4.86
C THR D 50 0.29 -9.47 6.05
N LYS D 51 1.02 -10.53 6.37
CA LYS D 51 0.63 -11.43 7.47
C LYS D 51 0.79 -10.81 8.86
N VAL D 52 1.65 -9.81 8.98
CA VAL D 52 1.79 -9.08 10.24
C VAL D 52 0.47 -8.39 10.57
N GLY D 53 -0.15 -7.81 9.55
CA GLY D 53 -1.44 -7.16 9.71
C GLY D 53 -1.33 -5.76 10.26
N GLU E 6 10.42 26.33 -14.37
CA GLU E 6 10.02 24.95 -14.61
C GLU E 6 11.20 24.01 -14.39
N ARG E 7 12.28 24.26 -15.11
CA ARG E 7 13.54 23.58 -14.83
C ARG E 7 13.95 23.86 -13.38
N GLU E 8 13.83 25.11 -12.97
CA GLU E 8 14.29 25.48 -11.64
C GLU E 8 13.45 24.81 -10.58
N LYS E 9 12.18 24.51 -10.90
CA LYS E 9 11.31 23.82 -9.95
C LYS E 9 11.69 22.34 -9.85
N ARG E 10 12.09 21.74 -10.97
CA ARG E 10 12.58 20.37 -10.94
C ARG E 10 13.81 20.26 -10.06
N VAL E 11 14.74 21.19 -10.23
CA VAL E 11 15.99 21.19 -9.48
C VAL E 11 15.68 21.45 -8.01
N SER E 12 14.79 22.40 -7.76
CA SER E 12 14.42 22.73 -6.39
C SER E 12 13.77 21.55 -5.66
N ASN E 13 12.87 20.84 -6.34
CA ASN E 13 12.21 19.69 -5.73
C ASN E 13 13.20 18.54 -5.50
N ALA E 14 14.15 18.41 -6.41
CA ALA E 14 15.21 17.41 -6.27
C ALA E 14 16.04 17.68 -5.03
N VAL E 15 16.39 18.94 -4.82
CA VAL E 15 17.18 19.31 -3.66
C VAL E 15 16.43 18.97 -2.36
N GLU E 16 15.13 19.24 -2.33
CA GLU E 16 14.37 18.91 -1.14
C GLU E 16 14.36 17.40 -0.89
N PHE E 17 14.24 16.64 -1.97
CA PHE E 17 14.33 15.18 -1.89
C PHE E 17 15.68 14.74 -1.32
N LEU E 18 16.76 15.25 -1.91
CA LEU E 18 18.11 14.88 -1.48
C LEU E 18 18.42 15.28 -0.04
N LEU E 19 17.76 16.32 0.45
CA LEU E 19 18.01 16.82 1.80
C LEU E 19 17.22 16.08 2.87
N ASP E 20 16.17 15.34 2.47
CA ASP E 20 15.44 14.53 3.44
C ASP E 20 16.41 13.59 4.15
N SER E 21 16.42 13.57 5.48
CA SER E 21 17.43 12.81 6.20
CA SER E 21 17.44 12.82 6.19
C SER E 21 17.33 11.31 5.95
N ARG E 22 16.15 10.84 5.58
CA ARG E 22 15.99 9.42 5.24
C ARG E 22 16.60 9.14 3.88
N VAL E 23 16.25 9.98 2.92
CA VAL E 23 16.70 9.82 1.54
C VAL E 23 18.21 9.98 1.46
N ARG E 24 18.73 10.88 2.30
CA ARG E 24 20.16 11.23 2.21
C ARG E 24 21.06 10.03 2.47
N ARG E 25 20.58 9.08 3.26
CA ARG E 25 21.35 7.88 3.59
C ARG E 25 21.48 6.88 2.46
N THR E 26 20.58 6.95 1.47
CA THR E 26 20.57 5.96 0.41
C THR E 26 21.75 6.20 -0.54
N PRO E 27 22.14 5.17 -1.31
CA PRO E 27 23.31 5.34 -2.19
C PRO E 27 23.14 6.41 -3.27
N THR E 28 24.23 7.06 -3.66
CA THR E 28 24.18 8.07 -4.71
C THR E 28 23.56 7.50 -5.98
N SER E 29 23.89 6.24 -6.29
CA SER E 29 23.37 5.64 -7.52
C SER E 29 21.84 5.55 -7.47
N SER E 30 21.30 5.22 -6.30
CA SER E 30 19.86 5.17 -6.09
C SER E 30 19.22 6.52 -6.31
N LYS E 31 19.85 7.57 -5.79
CA LYS E 31 19.34 8.93 -5.94
C LYS E 31 19.39 9.39 -7.39
N VAL E 32 20.47 9.06 -8.10
CA VAL E 32 20.55 9.41 -9.51
C VAL E 32 19.44 8.71 -10.26
N HIS E 33 19.27 7.42 -10.01
CA HIS E 33 18.25 6.65 -10.73
C HIS E 33 16.85 7.18 -10.45
N PHE E 34 16.57 7.51 -9.19
CA PHE E 34 15.25 8.03 -8.83
C PHE E 34 14.99 9.35 -9.54
N LEU E 35 15.96 10.27 -9.47
CA LEU E 35 15.79 11.56 -10.11
C LEU E 35 15.67 11.44 -11.64
N LYS E 36 16.40 10.50 -12.24
CA LYS E 36 16.25 10.25 -13.68
C LYS E 36 14.85 9.73 -13.97
N SER E 37 14.30 8.96 -13.03
CA SER E 37 12.98 8.37 -13.22
C SER E 37 11.90 9.44 -13.12
N LYS E 38 12.23 10.56 -12.49
CA LYS E 38 11.35 11.72 -12.43
C LYS E 38 11.53 12.65 -13.63
N GLY E 39 12.43 12.28 -14.54
CA GLY E 39 12.64 13.04 -15.76
C GLY E 39 13.69 14.13 -15.69
N LEU E 40 14.44 14.18 -14.59
CA LEU E 40 15.55 15.13 -14.50
C LEU E 40 16.66 14.74 -15.45
N SER E 41 17.33 15.73 -16.02
CA SER E 41 18.48 15.48 -16.86
C SER E 41 19.72 15.33 -16.01
N ALA E 42 20.80 14.88 -16.64
CA ALA E 42 22.04 14.73 -15.90
C ALA E 42 22.51 16.08 -15.35
N GLU E 43 22.37 17.14 -16.13
CA GLU E 43 22.82 18.46 -15.68
C GLU E 43 21.98 18.93 -14.50
N GLU E 44 20.69 18.66 -14.54
CA GLU E 44 19.82 19.04 -13.42
C GLU E 44 20.20 18.28 -12.15
N ILE E 45 20.51 17.00 -12.31
CA ILE E 45 20.87 16.16 -11.16
C ILE E 45 22.20 16.64 -10.55
N CYS E 46 23.19 16.90 -11.38
CA CYS E 46 24.47 17.38 -10.84
C CYS E 46 24.29 18.73 -10.17
N GLU E 47 23.43 19.55 -10.74
CA GLU E 47 23.13 20.84 -10.15
C GLU E 47 22.49 20.68 -8.77
N ALA E 48 21.55 19.74 -8.65
CA ALA E 48 20.90 19.50 -7.37
C ALA E 48 21.93 19.05 -6.33
N PHE E 49 22.81 18.13 -6.72
CA PHE E 49 23.82 17.66 -5.77
C PHE E 49 24.72 18.79 -5.29
N THR E 50 25.07 19.67 -6.22
CA THR E 50 25.95 20.77 -5.91
C THR E 50 25.28 21.75 -4.96
N LYS E 51 23.97 21.87 -5.09
CA LYS E 51 23.21 22.79 -4.23
C LYS E 51 23.06 22.25 -2.81
N VAL E 52 23.09 20.93 -2.66
CA VAL E 52 22.99 20.30 -1.34
C VAL E 52 24.23 20.68 -0.53
N GLY E 53 25.36 20.80 -1.21
CA GLY E 53 26.58 21.28 -0.59
C GLY E 53 27.26 20.26 0.30
S SO4 F . 3.52 -1.32 11.31
O1 SO4 F . 2.34 -2.16 11.40
O2 SO4 F . 3.79 -0.94 9.92
O3 SO4 F . 4.67 -2.04 11.84
O4 SO4 F . 3.31 -0.09 12.08
S SO4 G . 27.41 6.26 -1.81
O1 SO4 G . 26.84 4.92 -1.88
O2 SO4 G . 27.96 6.62 -3.12
O3 SO4 G . 28.49 6.29 -0.83
O4 SO4 G . 26.38 7.23 -1.44
S SO4 H . 26.63 13.74 1.61
O1 SO4 H . 27.50 13.30 2.71
O2 SO4 H . 27.06 13.09 0.37
O3 SO4 H . 26.68 15.20 1.56
O4 SO4 H . 25.26 13.30 1.90
#